data_4UHE
#
_entry.id   4UHE
#
_cell.length_a   43.330
_cell.length_b   43.330
_cell.length_c   227.060
_cell.angle_alpha   90.00
_cell.angle_beta   90.00
_cell.angle_gamma   120.00
#
_symmetry.space_group_name_H-M   'P 32 2 1'
#
loop_
_entity.id
_entity.type
_entity.pdbx_description
1 polymer ESTERASE
2 non-polymer 'TRIETHYLENE GLYCOL'
3 non-polymer 'CHLORIDE ION'
4 non-polymer D-MALATE
5 water water
#
_entity_poly.entity_id   1
_entity_poly.type   'polypeptide(L)'
_entity_poly.pdbx_seq_one_letter_code
;MAQRVKITTTATPGEIELAFEDTGTGLPVLLVHGFPLDRTMWKAQREELCDEFRVIVPDLRGFGESQVIPGVATMEAMAD
DLAGLCNHLGLTGKIVLGGLSMGGYVAFAFARKYRDRLAGLILCDTRARPDSPEAKENRRRVAERVRREGPGFIAEEMIP
RLCCESTFRNHPEVIEKIRQMILSAPPEGVAAAALGMAERPDSTDLLPALSCPTLVLVGQFDAISPPEEMEAMARTIPQS
QFVVIPDAGHLPPMEQPERVTQAIREWLRKVHTEAGHHHHHH
;
_entity_poly.pdbx_strand_id   A
#
loop_
_chem_comp.id
_chem_comp.type
_chem_comp.name
_chem_comp.formula
CL non-polymer 'CHLORIDE ION' 'Cl -1'
MLT non-polymer D-MALATE 'C4 H6 O5'
PGE non-polymer 'TRIETHYLENE GLYCOL' 'C6 H14 O4'
#
# COMPACT_ATOMS: atom_id res chain seq x y z
N ALA A 2 10.79 -8.78 -13.38
CA ALA A 2 9.33 -8.64 -13.08
C ALA A 2 8.52 -9.42 -14.09
N GLN A 3 7.29 -9.65 -13.68
CA GLN A 3 6.32 -10.43 -14.44
CA GLN A 3 6.31 -10.44 -14.39
C GLN A 3 5.10 -9.59 -14.71
N ARG A 4 4.36 -9.93 -15.75
CA ARG A 4 3.06 -9.31 -16.05
CA ARG A 4 3.05 -9.35 -16.01
C ARG A 4 2.14 -10.47 -16.42
N VAL A 5 1.08 -10.65 -15.66
CA VAL A 5 0.14 -11.76 -15.89
CA VAL A 5 0.15 -11.75 -15.85
C VAL A 5 -1.28 -11.30 -15.83
N LYS A 6 -2.12 -11.87 -16.69
CA LYS A 6 -3.56 -11.68 -16.61
CA LYS A 6 -3.52 -11.71 -16.61
C LYS A 6 -4.06 -12.63 -15.53
N ILE A 7 -4.73 -12.05 -14.52
CA ILE A 7 -5.29 -12.85 -13.41
CA ILE A 7 -5.25 -12.72 -13.35
C ILE A 7 -6.78 -12.80 -13.43
N THR A 8 -7.40 -13.82 -12.83
CA THR A 8 -8.80 -13.81 -12.64
CA THR A 8 -8.86 -13.80 -12.63
C THR A 8 -9.11 -13.17 -11.27
N THR A 9 -10.02 -12.22 -11.26
CA THR A 9 -10.43 -11.48 -10.07
C THR A 9 -11.94 -11.52 -9.96
N THR A 10 -12.43 -11.62 -8.73
CA THR A 10 -13.86 -11.57 -8.54
C THR A 10 -14.44 -10.16 -8.72
N ALA A 11 -13.59 -9.15 -8.73
CA ALA A 11 -14.02 -7.81 -9.02
C ALA A 11 -14.22 -7.59 -10.50
N THR A 12 -15.08 -6.63 -10.85
CA THR A 12 -15.17 -6.16 -12.21
CA THR A 12 -15.17 -6.18 -12.23
C THR A 12 -13.75 -5.76 -12.62
N PRO A 13 -13.30 -6.10 -13.84
CA PRO A 13 -14.01 -6.70 -14.96
C PRO A 13 -13.71 -8.19 -15.10
N GLY A 14 -13.37 -8.87 -14.01
CA GLY A 14 -13.19 -10.31 -14.03
C GLY A 14 -11.80 -10.82 -14.35
N GLU A 15 -11.07 -10.04 -15.12
CA GLU A 15 -9.72 -10.33 -15.51
CA GLU A 15 -9.71 -10.36 -15.49
C GLU A 15 -8.96 -9.05 -15.56
N ILE A 16 -7.74 -9.08 -15.10
CA ILE A 16 -6.91 -7.91 -15.10
C ILE A 16 -5.43 -8.30 -15.24
N GLU A 17 -4.66 -7.51 -15.96
CA GLU A 17 -3.22 -7.75 -16.08
CA GLU A 17 -3.24 -7.76 -16.06
C GLU A 17 -2.54 -7.00 -14.97
N LEU A 18 -1.83 -7.74 -14.12
CA LEU A 18 -1.00 -7.14 -13.06
C LEU A 18 0.47 -7.36 -13.34
N ALA A 19 1.27 -6.31 -13.15
CA ALA A 19 2.69 -6.39 -13.12
C ALA A 19 3.15 -6.57 -11.70
N PHE A 20 4.16 -7.40 -11.47
CA PHE A 20 4.57 -7.66 -10.10
C PHE A 20 5.97 -8.23 -10.07
N GLU A 21 6.60 -8.06 -8.92
N GLU A 21 6.61 -8.06 -8.92
CA GLU A 21 7.85 -8.71 -8.55
CA GLU A 21 7.88 -8.68 -8.62
C GLU A 21 7.55 -9.90 -7.64
C GLU A 21 7.61 -9.84 -7.62
N ASP A 22 8.38 -10.92 -7.72
CA ASP A 22 8.22 -12.09 -6.87
C ASP A 22 9.63 -12.62 -6.68
N THR A 23 10.16 -12.50 -5.46
CA THR A 23 11.61 -12.69 -5.19
C THR A 23 11.71 -13.44 -3.87
N GLY A 24 12.44 -14.56 -3.87
CA GLY A 24 12.70 -15.34 -2.65
C GLY A 24 11.85 -16.58 -2.54
N THR A 25 12.14 -17.35 -1.50
CA THR A 25 11.39 -18.58 -1.20
C THR A 25 10.98 -18.56 0.27
N GLY A 26 9.93 -19.30 0.55
CA GLY A 26 9.45 -19.44 1.90
C GLY A 26 8.13 -18.75 2.15
N LEU A 27 7.97 -18.22 3.34
CA LEU A 27 6.71 -17.64 3.75
C LEU A 27 6.41 -16.49 2.80
N PRO A 28 5.20 -16.45 2.23
CA PRO A 28 4.86 -15.37 1.31
C PRO A 28 4.47 -14.10 2.07
N VAL A 29 5.09 -13.02 1.65
CA VAL A 29 4.85 -11.66 2.18
C VAL A 29 4.52 -10.80 0.97
N LEU A 30 3.27 -10.33 0.93
CA LEU A 30 2.82 -9.51 -0.21
CA LEU A 30 2.78 -9.49 -0.19
C LEU A 30 2.76 -8.06 0.29
N LEU A 31 3.50 -7.17 -0.39
CA LEU A 31 3.59 -5.78 0.05
C LEU A 31 2.93 -4.87 -0.96
N VAL A 32 2.04 -3.99 -0.47
CA VAL A 32 1.17 -3.15 -1.27
C VAL A 32 1.58 -1.68 -1.11
N HIS A 33 1.86 -1.04 -2.22
CA HIS A 33 2.29 0.34 -2.24
C HIS A 33 1.18 1.33 -1.92
N GLY A 34 1.60 2.58 -1.69
CA GLY A 34 0.72 3.72 -1.45
C GLY A 34 0.25 4.42 -2.70
N PHE A 35 -0.56 5.45 -2.47
CA PHE A 35 -1.09 6.28 -3.53
C PHE A 35 -0.22 7.53 -3.72
N PRO A 36 0.05 7.98 -4.93
CA PRO A 36 -0.15 7.33 -6.25
C PRO A 36 1.22 6.80 -6.72
N LEU A 37 1.70 5.78 -6.04
CA LEU A 37 3.05 5.26 -6.25
C LEU A 37 3.01 3.97 -7.05
N ASP A 38 3.97 3.06 -6.84
CA ASP A 38 4.07 1.82 -7.59
C ASP A 38 4.92 0.87 -6.78
N ARG A 39 5.08 -0.35 -7.33
CA ARG A 39 5.76 -1.43 -6.61
C ARG A 39 7.16 -1.07 -6.19
N THR A 40 7.79 -0.15 -6.91
CA THR A 40 9.18 0.20 -6.60
C THR A 40 9.32 0.87 -5.25
N MET A 41 8.21 1.33 -4.64
CA MET A 41 8.46 1.94 -3.34
CA MET A 41 8.20 1.88 -3.29
C MET A 41 8.83 0.90 -2.29
N TRP A 42 8.64 -0.41 -2.55
CA TRP A 42 9.05 -1.46 -1.62
C TRP A 42 10.35 -2.17 -2.07
N LYS A 43 11.07 -1.58 -3.02
CA LYS A 43 12.21 -2.29 -3.61
CA LYS A 43 12.29 -2.15 -3.60
C LYS A 43 13.26 -2.67 -2.56
N ALA A 44 13.57 -1.82 -1.58
CA ALA A 44 14.67 -2.17 -0.64
C ALA A 44 14.26 -3.38 0.20
N GLN A 45 12.99 -3.39 0.61
CA GLN A 45 12.50 -4.49 1.45
C GLN A 45 12.42 -5.79 0.64
N ARG A 46 11.97 -5.71 -0.61
CA ARG A 46 11.97 -6.90 -1.45
C ARG A 46 13.37 -7.47 -1.66
N GLU A 47 14.33 -6.58 -1.93
CA GLU A 47 15.68 -7.00 -2.25
CA GLU A 47 15.65 -7.06 -2.28
C GLU A 47 16.42 -7.55 -1.07
N GLU A 48 16.03 -7.16 0.15
CA GLU A 48 16.67 -7.59 1.39
C GLU A 48 15.98 -8.76 2.05
N LEU A 49 14.64 -8.73 2.13
CA LEU A 49 13.91 -9.76 2.82
C LEU A 49 13.88 -11.10 2.06
N CYS A 50 14.18 -11.05 0.76
CA CYS A 50 14.14 -12.24 -0.06
C CYS A 50 15.20 -13.27 0.33
N ASP A 51 16.15 -12.96 1.19
CA ASP A 51 17.03 -13.98 1.70
C ASP A 51 16.38 -14.92 2.69
N GLU A 52 15.19 -14.60 3.17
CA GLU A 52 14.57 -15.38 4.19
CA GLU A 52 14.51 -15.38 4.21
C GLU A 52 13.08 -15.67 3.93
N PHE A 53 12.43 -14.84 3.09
CA PHE A 53 11.01 -14.89 2.81
CA PHE A 53 11.00 -14.97 2.79
C PHE A 53 10.81 -14.82 1.29
N ARG A 54 9.58 -15.11 0.86
CA ARG A 54 9.15 -14.88 -0.52
C ARG A 54 8.38 -13.59 -0.56
N VAL A 55 8.92 -12.61 -1.27
CA VAL A 55 8.33 -11.25 -1.24
C VAL A 55 7.69 -10.97 -2.60
N ILE A 56 6.39 -10.72 -2.58
CA ILE A 56 5.59 -10.47 -3.77
CA ILE A 56 5.59 -10.47 -3.78
C ILE A 56 5.14 -9.00 -3.72
N VAL A 57 5.42 -8.22 -4.79
CA VAL A 57 5.16 -6.79 -4.77
C VAL A 57 4.49 -6.39 -6.09
N PRO A 58 3.16 -6.26 -6.10
CA PRO A 58 2.47 -5.90 -7.31
C PRO A 58 2.30 -4.41 -7.50
N ASP A 59 2.19 -3.99 -8.75
CA ASP A 59 1.54 -2.70 -9.04
C ASP A 59 0.04 -2.93 -8.94
N LEU A 60 -0.65 -2.12 -8.13
CA LEU A 60 -2.10 -2.22 -8.07
C LEU A 60 -2.71 -1.83 -9.42
N ARG A 61 -3.96 -2.24 -9.62
CA ARG A 61 -4.68 -1.83 -10.79
C ARG A 61 -4.60 -0.31 -10.97
N GLY A 62 -4.29 0.11 -12.21
CA GLY A 62 -4.19 1.52 -12.52
C GLY A 62 -2.84 2.18 -12.21
N PHE A 63 -1.89 1.43 -11.64
CA PHE A 63 -0.61 1.97 -11.25
C PHE A 63 0.53 1.24 -11.93
N GLY A 64 1.68 1.92 -12.00
CA GLY A 64 2.88 1.30 -12.52
C GLY A 64 2.66 0.73 -13.89
N GLU A 65 2.98 -0.56 -14.04
CA GLU A 65 2.85 -1.28 -15.28
C GLU A 65 1.60 -2.13 -15.35
N SER A 66 0.72 -2.09 -14.33
CA SER A 66 -0.49 -2.84 -14.35
C SER A 66 -1.54 -2.24 -15.28
N GLN A 67 -2.54 -3.05 -15.63
CA GLN A 67 -3.65 -2.56 -16.44
C GLN A 67 -4.42 -1.45 -15.75
N VAL A 68 -4.78 -0.44 -16.55
CA VAL A 68 -5.59 0.67 -16.05
C VAL A 68 -7.09 0.36 -16.34
N ILE A 69 -7.93 0.30 -15.30
CA ILE A 69 -9.38 0.03 -15.41
C ILE A 69 -10.07 1.34 -14.99
N PRO A 70 -10.55 2.10 -16.00
CA PRO A 70 -11.15 3.39 -15.71
C PRO A 70 -12.46 3.26 -14.96
N GLY A 71 -12.75 4.32 -14.23
CA GLY A 71 -13.98 4.46 -13.47
C GLY A 71 -13.64 4.59 -12.01
N VAL A 72 -14.03 3.62 -11.25
CA VAL A 72 -13.73 3.58 -9.80
C VAL A 72 -13.00 2.28 -9.51
N ALA A 73 -11.89 2.39 -8.80
CA ALA A 73 -11.11 1.26 -8.30
C ALA A 73 -11.27 1.21 -6.81
N THR A 74 -12.27 0.45 -6.38
CA THR A 74 -12.53 0.37 -4.94
C THR A 74 -11.41 -0.40 -4.22
N MET A 75 -11.31 -0.14 -2.91
CA MET A 75 -10.35 -0.87 -2.11
C MET A 75 -10.66 -2.38 -2.13
N GLU A 76 -11.95 -2.71 -2.12
CA GLU A 76 -12.40 -4.10 -2.25
C GLU A 76 -11.90 -4.71 -3.57
N ALA A 77 -12.08 -3.99 -4.67
CA ALA A 77 -11.65 -4.52 -5.97
C ALA A 77 -10.13 -4.75 -5.96
N MET A 78 -9.37 -3.83 -5.37
CA MET A 78 -7.95 -4.00 -5.30
C MET A 78 -7.59 -5.26 -4.50
N ALA A 79 -8.31 -5.45 -3.39
CA ALA A 79 -8.11 -6.67 -2.56
C ALA A 79 -8.48 -7.95 -3.34
N ASP A 80 -9.59 -7.89 -4.07
CA ASP A 80 -9.97 -9.03 -4.92
C ASP A 80 -8.88 -9.38 -5.90
N ASP A 81 -8.24 -8.33 -6.48
CA ASP A 81 -7.17 -8.57 -7.41
C ASP A 81 -6.00 -9.28 -6.72
N LEU A 82 -5.69 -8.84 -5.50
CA LEU A 82 -4.61 -9.52 -4.75
C LEU A 82 -4.91 -10.99 -4.49
N ALA A 83 -6.16 -11.28 -4.13
CA ALA A 83 -6.57 -12.67 -3.94
C ALA A 83 -6.40 -13.47 -5.22
N GLY A 84 -6.77 -12.84 -6.35
CA GLY A 84 -6.61 -13.50 -7.64
C GLY A 84 -5.16 -13.71 -8.06
N LEU A 85 -4.29 -12.78 -7.67
CA LEU A 85 -2.87 -12.96 -7.92
C LEU A 85 -2.33 -14.12 -7.11
N CYS A 86 -2.67 -14.16 -5.83
CA CYS A 86 -2.22 -15.27 -5.01
CA CYS A 86 -2.32 -15.29 -4.94
C CYS A 86 -2.76 -16.61 -5.57
N ASN A 87 -4.01 -16.62 -6.01
CA ASN A 87 -4.55 -17.81 -6.64
C ASN A 87 -3.70 -18.22 -7.86
N HIS A 88 -3.44 -17.27 -8.75
CA HIS A 88 -2.59 -17.50 -9.97
CA HIS A 88 -2.70 -17.57 -9.93
C HIS A 88 -1.32 -18.16 -9.59
N LEU A 89 -0.64 -17.61 -8.58
CA LEU A 89 0.67 -18.09 -8.16
C LEU A 89 0.65 -19.40 -7.38
N GLY A 90 -0.54 -19.89 -7.06
CA GLY A 90 -0.66 -21.12 -6.27
C GLY A 90 -0.47 -20.93 -4.80
N LEU A 91 -0.53 -19.68 -4.34
CA LEU A 91 -0.49 -19.26 -2.91
C LEU A 91 -1.93 -19.21 -2.40
N THR A 92 -2.49 -20.40 -2.28
CA THR A 92 -3.93 -20.52 -2.05
C THR A 92 -4.24 -20.70 -0.57
N GLY A 93 -3.18 -20.74 0.27
CA GLY A 93 -3.28 -20.83 1.73
C GLY A 93 -3.06 -19.45 2.35
N LYS A 94 -2.22 -19.33 3.38
CA LYS A 94 -2.05 -18.07 4.14
CA LYS A 94 -2.07 -18.05 4.08
C LYS A 94 -0.82 -17.28 3.70
N ILE A 95 -0.97 -15.96 3.73
CA ILE A 95 0.10 -15.02 3.40
C ILE A 95 0.18 -13.98 4.54
N VAL A 96 1.33 -13.29 4.58
CA VAL A 96 1.39 -12.05 5.30
C VAL A 96 1.11 -10.94 4.28
N LEU A 97 0.18 -10.02 4.62
CA LEU A 97 -0.15 -8.91 3.75
C LEU A 97 0.28 -7.63 4.42
N GLY A 98 1.09 -6.85 3.74
CA GLY A 98 1.50 -5.54 4.21
C GLY A 98 1.06 -4.45 3.26
N GLY A 99 0.74 -3.28 3.79
CA GLY A 99 0.39 -2.16 2.96
C GLY A 99 0.76 -0.86 3.61
N LEU A 100 1.07 0.12 2.77
CA LEU A 100 1.37 1.47 3.20
C LEU A 100 0.26 2.42 2.72
N SER A 101 -0.35 3.13 3.66
CA SER A 101 -1.34 4.18 3.40
C SER A 101 -2.52 3.68 2.62
N MET A 102 -2.71 4.08 1.32
CA MET A 102 -3.76 3.41 0.55
C MET A 102 -3.63 1.90 0.54
N GLY A 103 -2.38 1.42 0.49
CA GLY A 103 -2.18 0.01 0.54
C GLY A 103 -2.69 -0.61 1.85
N GLY A 104 -2.64 0.17 2.96
CA GLY A 104 -3.31 -0.24 4.19
C GLY A 104 -4.82 -0.31 4.07
N TYR A 105 -5.40 0.63 3.33
CA TYR A 105 -6.84 0.54 3.07
C TYR A 105 -7.19 -0.74 2.30
N VAL A 106 -6.35 -1.12 1.34
CA VAL A 106 -6.50 -2.35 0.60
C VAL A 106 -6.38 -3.55 1.55
N ALA A 107 -5.39 -3.49 2.46
CA ALA A 107 -5.22 -4.57 3.43
C ALA A 107 -6.45 -4.75 4.30
N PHE A 108 -7.08 -3.64 4.72
CA PHE A 108 -8.30 -3.78 5.48
C PHE A 108 -9.41 -4.43 4.64
N ALA A 109 -9.54 -4.03 3.37
CA ALA A 109 -10.54 -4.63 2.51
C ALA A 109 -10.27 -6.14 2.36
N PHE A 110 -9.00 -6.53 2.26
CA PHE A 110 -8.61 -7.94 2.16
C PHE A 110 -8.96 -8.70 3.44
N ALA A 111 -8.63 -8.10 4.58
CA ALA A 111 -8.96 -8.73 5.87
C ALA A 111 -10.46 -8.91 6.08
N ARG A 112 -11.26 -8.02 5.52
CA ARG A 112 -12.75 -8.12 5.57
CA ARG A 112 -12.68 -8.12 5.67
C ARG A 112 -13.21 -9.36 4.89
N LYS A 113 -12.67 -9.61 3.70
CA LYS A 113 -13.23 -10.56 2.76
CA LYS A 113 -13.23 -10.60 2.75
C LYS A 113 -12.49 -11.90 2.67
N TYR A 114 -11.21 -11.88 3.00
CA TYR A 114 -10.29 -12.99 2.82
C TYR A 114 -9.56 -13.28 4.13
N ARG A 115 -10.30 -13.22 5.26
CA ARG A 115 -9.65 -13.36 6.55
CA ARG A 115 -9.74 -13.42 6.61
C ARG A 115 -8.88 -14.69 6.71
N ASP A 116 -9.41 -15.76 6.12
CA ASP A 116 -8.77 -17.05 6.30
CA ASP A 116 -8.85 -17.10 6.16
C ASP A 116 -7.49 -17.21 5.46
N ARG A 117 -7.16 -16.20 4.65
CA ARG A 117 -5.92 -16.20 3.89
CA ARG A 117 -5.92 -16.17 3.88
C ARG A 117 -4.80 -15.43 4.58
N LEU A 118 -5.05 -14.90 5.78
CA LEU A 118 -4.01 -14.06 6.45
C LEU A 118 -3.30 -14.82 7.60
N ALA A 119 -1.99 -14.90 7.50
CA ALA A 119 -1.11 -15.27 8.60
C ALA A 119 -0.72 -14.05 9.42
N GLY A 120 -0.84 -12.85 8.83
CA GLY A 120 -0.43 -11.65 9.53
C GLY A 120 -0.69 -10.46 8.67
N LEU A 121 -0.70 -9.29 9.31
CA LEU A 121 -0.90 -8.00 8.62
CA LEU A 121 -0.94 -8.02 8.69
C LEU A 121 0.22 -7.06 9.05
N ILE A 122 0.68 -6.27 8.08
CA ILE A 122 1.63 -5.18 8.34
C ILE A 122 0.97 -3.89 7.83
N LEU A 123 0.69 -3.00 8.76
CA LEU A 123 -0.07 -1.76 8.46
C LEU A 123 0.88 -0.61 8.66
N CYS A 124 1.30 0.03 7.57
CA CYS A 124 2.24 1.15 7.64
C CYS A 124 1.55 2.44 7.27
N ASP A 125 1.68 3.44 8.14
CA ASP A 125 1.36 4.81 7.73
C ASP A 125 -0.02 4.89 7.07
N THR A 126 -1.04 4.48 7.86
CA THR A 126 -2.39 4.34 7.34
C THR A 126 -3.41 4.61 8.45
N ARG A 127 -4.67 4.47 8.10
CA ARG A 127 -5.77 4.69 9.02
CA ARG A 127 -5.77 4.69 9.03
C ARG A 127 -6.96 3.84 8.63
N ALA A 128 -7.77 3.48 9.60
CA ALA A 128 -8.95 2.65 9.41
C ALA A 128 -10.24 3.46 9.18
N ARG A 129 -10.26 4.72 9.60
CA ARG A 129 -11.41 5.61 9.40
CA ARG A 129 -11.43 5.57 9.39
C ARG A 129 -11.60 5.83 7.90
N PRO A 130 -12.81 6.17 7.47
CA PRO A 130 -13.08 6.51 6.07
C PRO A 130 -12.74 7.98 5.83
N ASP A 131 -12.93 8.44 4.60
CA ASP A 131 -12.82 9.87 4.33
C ASP A 131 -13.97 10.63 4.99
N SER A 132 -13.67 11.82 5.51
CA SER A 132 -14.67 12.81 5.88
C SER A 132 -15.36 13.33 4.65
N PRO A 133 -16.47 14.06 4.80
CA PRO A 133 -17.16 14.55 3.61
C PRO A 133 -16.29 15.46 2.76
N GLU A 134 -15.51 16.34 3.37
CA GLU A 134 -14.62 17.21 2.62
CA GLU A 134 -14.63 17.22 2.63
C GLU A 134 -13.53 16.43 1.94
N ALA A 135 -12.99 15.43 2.63
CA ALA A 135 -11.98 14.58 2.00
C ALA A 135 -12.54 13.87 0.75
N LYS A 136 -13.77 13.36 0.85
CA LYS A 136 -14.39 12.71 -0.29
C LYS A 136 -14.50 13.65 -1.47
N GLU A 137 -14.97 14.85 -1.20
CA GLU A 137 -15.12 15.88 -2.24
CA GLU A 137 -15.13 15.83 -2.27
C GLU A 137 -13.79 16.18 -2.89
N ASN A 138 -12.75 16.29 -2.08
CA ASN A 138 -11.42 16.58 -2.61
CA ASN A 138 -11.43 16.56 -2.61
C ASN A 138 -10.93 15.44 -3.51
N ARG A 139 -11.29 14.18 -3.19
CA ARG A 139 -10.98 13.09 -4.11
C ARG A 139 -11.58 13.28 -5.46
N ARG A 140 -12.85 13.69 -5.48
CA ARG A 140 -13.53 13.88 -6.74
CA ARG A 140 -13.56 13.92 -6.75
C ARG A 140 -12.84 14.99 -7.55
N ARG A 141 -12.43 16.06 -6.86
CA ARG A 141 -11.73 17.17 -7.51
CA ARG A 141 -11.74 17.14 -7.55
C ARG A 141 -10.39 16.70 -8.09
N VAL A 142 -9.65 15.89 -7.32
CA VAL A 142 -8.41 15.35 -7.82
C VAL A 142 -8.63 14.47 -9.03
N ALA A 143 -9.61 13.58 -8.97
CA ALA A 143 -9.87 12.67 -10.06
C ALA A 143 -10.19 13.44 -11.33
N GLU A 144 -11.06 14.43 -11.21
CA GLU A 144 -11.50 15.18 -12.41
CA GLU A 144 -11.46 15.18 -12.38
C GLU A 144 -10.30 15.89 -13.03
N ARG A 145 -9.43 16.47 -12.19
CA ARG A 145 -8.33 17.18 -12.75
CA ARG A 145 -8.26 17.28 -12.61
C ARG A 145 -7.22 16.31 -13.24
N VAL A 146 -6.88 15.24 -12.56
CA VAL A 146 -5.76 14.42 -13.00
C VAL A 146 -6.04 13.80 -14.35
N ARG A 147 -7.30 13.46 -14.63
CA ARG A 147 -7.62 12.92 -15.93
CA ARG A 147 -7.71 12.95 -15.94
C ARG A 147 -7.20 13.84 -17.06
N ARG A 148 -7.31 15.15 -16.84
CA ARG A 148 -6.98 16.18 -17.83
CA ARG A 148 -6.99 16.08 -17.88
C ARG A 148 -5.54 16.65 -17.77
N GLU A 149 -5.05 16.96 -16.57
CA GLU A 149 -3.76 17.61 -16.41
CA GLU A 149 -3.78 17.66 -16.38
C GLU A 149 -2.62 16.69 -16.05
N GLY A 150 -2.90 15.43 -15.71
CA GLY A 150 -1.86 14.54 -15.18
C GLY A 150 -1.49 14.91 -13.77
N PRO A 151 -0.61 14.08 -13.15
CA PRO A 151 -0.36 14.15 -11.72
C PRO A 151 0.66 15.14 -11.23
N GLY A 152 1.16 16.06 -12.09
CA GLY A 152 2.08 17.07 -11.60
C GLY A 152 1.57 17.84 -10.40
N PHE A 153 0.30 18.22 -10.41
CA PHE A 153 -0.26 18.99 -9.30
C PHE A 153 -0.29 18.19 -8.02
N ILE A 154 -0.43 16.86 -8.16
CA ILE A 154 -0.42 15.97 -7.04
C ILE A 154 0.99 15.88 -6.43
N ALA A 155 2.01 15.74 -7.29
CA ALA A 155 3.37 15.76 -6.79
C ALA A 155 3.66 17.05 -6.04
N GLU A 156 3.23 18.17 -6.59
CA GLU A 156 3.49 19.44 -5.92
CA GLU A 156 3.46 19.47 -5.95
C GLU A 156 2.86 19.52 -4.54
N GLU A 157 1.61 19.05 -4.42
CA GLU A 157 0.88 19.07 -3.13
C GLU A 157 1.42 18.03 -2.15
N MET A 158 1.77 16.85 -2.66
CA MET A 158 2.02 15.71 -1.77
C MET A 158 3.47 15.63 -1.35
N ILE A 159 4.42 15.94 -2.21
CA ILE A 159 5.84 15.72 -1.83
CA ILE A 159 5.82 15.68 -1.81
C ILE A 159 6.23 16.35 -0.48
N PRO A 160 5.86 17.61 -0.22
CA PRO A 160 6.22 18.20 1.08
C PRO A 160 5.60 17.49 2.26
N ARG A 161 4.49 16.78 2.05
CA ARG A 161 3.78 16.06 3.11
CA ARG A 161 3.78 16.06 3.11
C ARG A 161 4.20 14.61 3.21
N LEU A 162 4.94 14.10 2.23
CA LEU A 162 5.28 12.69 2.19
C LEU A 162 6.52 12.31 2.96
N CYS A 163 7.49 13.23 3.08
CA CYS A 163 8.78 12.92 3.65
CA CYS A 163 8.79 12.93 3.63
C CYS A 163 9.18 13.96 4.67
N CYS A 164 10.06 13.56 5.58
CA CYS A 164 10.53 14.48 6.59
C CYS A 164 11.71 15.31 6.11
N GLU A 165 12.00 16.36 6.86
CA GLU A 165 13.04 17.31 6.58
CA GLU A 165 13.04 17.30 6.49
C GLU A 165 14.39 16.59 6.39
N SER A 166 14.68 15.60 7.24
CA SER A 166 15.94 14.87 7.12
C SER A 166 16.10 14.16 5.81
N THR A 167 15.00 13.67 5.25
CA THR A 167 15.07 13.04 3.94
C THR A 167 15.42 14.02 2.82
N PHE A 168 14.78 15.19 2.88
CA PHE A 168 15.10 16.23 1.90
C PHE A 168 16.58 16.59 1.94
N ARG A 169 17.17 16.63 3.14
CA ARG A 169 18.56 17.02 3.31
C ARG A 169 19.52 15.89 2.93
N ASN A 170 19.29 14.70 3.47
CA ASN A 170 20.24 13.62 3.30
C ASN A 170 20.03 12.75 2.10
N HIS A 171 18.79 12.73 1.59
CA HIS A 171 18.41 11.80 0.53
C HIS A 171 17.57 12.49 -0.54
N PRO A 172 18.09 13.56 -1.14
CA PRO A 172 17.41 14.14 -2.29
C PRO A 172 17.11 13.16 -3.42
N GLU A 173 17.93 12.11 -3.56
CA GLU A 173 17.68 11.08 -4.59
C GLU A 173 16.41 10.27 -4.31
N VAL A 174 16.09 10.11 -3.03
CA VAL A 174 14.88 9.42 -2.63
C VAL A 174 13.67 10.31 -2.97
N ILE A 175 13.76 11.60 -2.65
CA ILE A 175 12.71 12.54 -3.04
C ILE A 175 12.44 12.45 -4.55
N GLU A 176 13.50 12.48 -5.32
CA GLU A 176 13.34 12.45 -6.77
CA GLU A 176 13.38 12.46 -6.77
C GLU A 176 12.75 11.14 -7.26
N LYS A 177 13.12 10.00 -6.66
CA LYS A 177 12.49 8.71 -7.01
CA LYS A 177 12.49 8.75 -7.05
C LYS A 177 10.98 8.76 -6.76
N ILE A 178 10.59 9.29 -5.62
CA ILE A 178 9.17 9.37 -5.28
C ILE A 178 8.47 10.31 -6.25
N ARG A 179 9.09 11.46 -6.52
CA ARG A 179 8.50 12.38 -7.48
CA ARG A 179 8.54 12.38 -7.49
C ARG A 179 8.27 11.69 -8.84
N GLN A 180 9.26 10.92 -9.32
CA GLN A 180 9.05 10.29 -10.62
C GLN A 180 7.97 9.21 -10.54
N MET A 181 7.80 8.53 -9.41
CA MET A 181 6.70 7.58 -9.30
CA MET A 181 6.69 7.57 -9.30
C MET A 181 5.39 8.31 -9.50
N ILE A 182 5.21 9.44 -8.82
CA ILE A 182 3.96 10.20 -8.91
C ILE A 182 3.75 10.69 -10.34
N LEU A 183 4.81 11.30 -10.92
CA LEU A 183 4.69 11.92 -12.23
C LEU A 183 4.37 10.90 -13.32
N SER A 184 4.77 9.64 -13.12
CA SER A 184 4.56 8.56 -14.05
CA SER A 184 4.51 8.64 -14.12
C SER A 184 3.27 7.80 -13.85
N ALA A 185 2.51 8.13 -12.82
CA ALA A 185 1.33 7.30 -12.49
C ALA A 185 0.27 7.53 -13.58
N PRO A 186 -0.39 6.50 -14.07
CA PRO A 186 -1.38 6.65 -15.15
C PRO A 186 -2.50 7.59 -14.72
N PRO A 187 -2.81 8.64 -15.50
CA PRO A 187 -3.88 9.55 -15.05
C PRO A 187 -5.19 8.87 -14.70
N GLU A 188 -5.70 7.97 -15.54
CA GLU A 188 -6.98 7.33 -15.28
CA GLU A 188 -7.00 7.37 -15.24
C GLU A 188 -6.86 6.39 -14.07
N GLY A 189 -5.69 5.80 -13.85
CA GLY A 189 -5.50 4.95 -12.68
C GLY A 189 -5.53 5.75 -11.40
N VAL A 190 -4.86 6.90 -11.40
CA VAL A 190 -4.93 7.81 -10.24
C VAL A 190 -6.36 8.23 -9.97
N ALA A 191 -7.09 8.63 -11.02
CA ALA A 191 -8.49 9.04 -10.83
C ALA A 191 -9.33 7.94 -10.26
N ALA A 192 -9.19 6.74 -10.80
CA ALA A 192 -10.02 5.62 -10.35
C ALA A 192 -9.75 5.32 -8.89
N ALA A 193 -8.49 5.35 -8.48
CA ALA A 193 -8.13 5.09 -7.08
C ALA A 193 -8.58 6.19 -6.13
N ALA A 194 -8.52 7.43 -6.58
CA ALA A 194 -9.00 8.54 -5.77
C ALA A 194 -10.50 8.35 -5.49
N LEU A 195 -11.26 8.03 -6.53
CA LEU A 195 -12.68 7.78 -6.34
C LEU A 195 -12.91 6.56 -5.45
N GLY A 196 -12.09 5.52 -5.60
CA GLY A 196 -12.21 4.36 -4.74
C GLY A 196 -11.93 4.70 -3.30
N MET A 197 -10.92 5.50 -3.01
CA MET A 197 -10.66 5.89 -1.65
C MET A 197 -11.84 6.62 -1.04
N ALA A 198 -12.48 7.47 -1.83
CA ALA A 198 -13.64 8.23 -1.33
C ALA A 198 -14.73 7.31 -0.86
N GLU A 199 -14.93 6.19 -1.58
CA GLU A 199 -16.00 5.21 -1.42
CA GLU A 199 -16.05 5.28 -1.31
C GLU A 199 -15.74 4.22 -0.29
N ARG A 200 -14.52 4.15 0.25
CA ARG A 200 -14.15 3.04 1.11
C ARG A 200 -14.93 3.11 2.40
N PRO A 201 -15.26 1.95 2.99
CA PRO A 201 -15.98 1.93 4.25
C PRO A 201 -15.13 2.31 5.44
N ASP A 202 -15.81 2.56 6.54
CA ASP A 202 -15.16 2.73 7.83
C ASP A 202 -14.72 1.40 8.36
N SER A 203 -13.41 1.20 8.48
CA SER A 203 -12.87 -0.06 9.02
C SER A 203 -12.61 -0.03 10.51
N THR A 204 -13.03 1.02 11.20
CA THR A 204 -12.76 1.10 12.65
C THR A 204 -13.14 -0.19 13.40
N ASP A 205 -14.36 -0.70 13.15
CA ASP A 205 -14.84 -1.83 13.93
C ASP A 205 -14.25 -3.15 13.43
N LEU A 206 -13.64 -3.17 12.25
CA LEU A 206 -12.96 -4.35 11.76
C LEU A 206 -11.78 -4.73 12.66
N LEU A 207 -11.12 -3.71 13.20
CA LEU A 207 -9.84 -3.91 13.86
C LEU A 207 -9.90 -4.80 15.09
N PRO A 208 -10.86 -4.57 15.99
CA PRO A 208 -10.92 -5.46 17.15
C PRO A 208 -11.29 -6.87 16.80
N ALA A 209 -11.84 -7.08 15.60
CA ALA A 209 -12.23 -8.39 15.13
C ALA A 209 -11.16 -9.13 14.35
N LEU A 210 -9.97 -8.54 14.18
CA LEU A 210 -8.89 -9.19 13.46
C LEU A 210 -8.45 -10.45 14.18
N SER A 211 -7.98 -11.43 13.40
CA SER A 211 -7.62 -12.74 13.92
C SER A 211 -6.19 -13.15 13.61
N CYS A 212 -5.34 -12.23 13.20
CA CYS A 212 -3.96 -12.57 12.89
C CYS A 212 -3.05 -11.57 13.61
N PRO A 213 -1.79 -11.93 13.90
CA PRO A 213 -0.86 -10.95 14.40
CA PRO A 213 -0.83 -10.97 14.39
C PRO A 213 -0.70 -9.78 13.43
N THR A 214 -0.50 -8.58 14.00
CA THR A 214 -0.42 -7.35 13.22
C THR A 214 0.71 -6.49 13.70
N LEU A 215 1.54 -6.05 12.76
CA LEU A 215 2.60 -5.07 12.97
C LEU A 215 2.10 -3.72 12.46
N VAL A 216 2.19 -2.68 13.28
CA VAL A 216 1.77 -1.34 12.91
C VAL A 216 3.02 -0.48 12.92
N LEU A 217 3.35 0.13 11.79
CA LEU A 217 4.55 0.87 11.67
CA LEU A 217 4.60 0.90 11.58
C LEU A 217 4.24 2.30 11.19
N VAL A 218 4.95 3.30 11.72
CA VAL A 218 4.72 4.66 11.34
C VAL A 218 6.03 5.45 11.39
N GLY A 219 6.22 6.42 10.49
CA GLY A 219 7.33 7.34 10.64
C GLY A 219 7.11 8.31 11.78
N GLN A 220 8.20 8.60 12.49
CA GLN A 220 8.20 9.54 13.60
C GLN A 220 7.55 10.88 13.25
N PHE A 221 7.78 11.30 12.00
CA PHE A 221 7.37 12.61 11.51
C PHE A 221 6.30 12.54 10.45
N ASP A 222 5.54 11.44 10.40
CA ASP A 222 4.51 11.28 9.37
C ASP A 222 3.45 12.36 9.50
N ALA A 223 3.33 13.21 8.47
CA ALA A 223 2.39 14.31 8.45
C ALA A 223 0.98 13.92 7.97
N ILE A 224 0.87 12.77 7.32
CA ILE A 224 -0.38 12.36 6.67
C ILE A 224 -1.18 11.41 7.55
N SER A 225 -0.49 10.47 8.19
CA SER A 225 -1.06 9.53 9.18
C SER A 225 -0.20 9.65 10.41
N PRO A 226 -0.47 10.62 11.30
CA PRO A 226 0.48 10.89 12.34
C PRO A 226 0.66 9.75 13.34
N PRO A 227 1.81 9.72 13.98
CA PRO A 227 2.09 8.61 14.91
C PRO A 227 1.15 8.50 16.08
N GLU A 228 0.69 9.61 16.63
CA GLU A 228 -0.25 9.59 17.74
CA GLU A 228 -0.23 9.50 17.78
C GLU A 228 -1.54 8.83 17.37
N GLU A 229 -2.05 9.16 16.20
CA GLU A 229 -3.24 8.51 15.63
CA GLU A 229 -3.26 8.49 15.70
C GLU A 229 -3.00 7.01 15.38
N MET A 230 -1.83 6.70 14.80
CA MET A 230 -1.49 5.30 14.54
C MET A 230 -1.35 4.48 15.81
N GLU A 231 -0.79 5.07 16.86
CA GLU A 231 -0.63 4.34 18.11
C GLU A 231 -2.02 4.01 18.67
N ALA A 232 -2.94 4.98 18.60
CA ALA A 232 -4.29 4.75 19.05
C ALA A 232 -4.98 3.65 18.22
N MET A 233 -4.74 3.67 16.92
CA MET A 233 -5.29 2.64 16.07
C MET A 233 -4.76 1.27 16.48
N ALA A 234 -3.44 1.18 16.71
CA ALA A 234 -2.81 -0.09 17.10
C ALA A 234 -3.40 -0.64 18.39
N ARG A 235 -3.79 0.24 19.29
CA ARG A 235 -4.35 -0.18 20.60
CA ARG A 235 -4.37 -0.19 20.57
C ARG A 235 -5.73 -0.82 20.42
N THR A 236 -6.34 -0.68 19.23
CA THR A 236 -7.62 -1.34 18.96
C THR A 236 -7.47 -2.72 18.32
N ILE A 237 -6.24 -3.09 17.98
CA ILE A 237 -5.96 -4.33 17.23
C ILE A 237 -5.37 -5.34 18.21
N PRO A 238 -5.97 -6.54 18.36
CA PRO A 238 -5.39 -7.54 19.26
C PRO A 238 -4.08 -8.11 18.61
N GLN A 239 -3.21 -8.67 19.43
CA GLN A 239 -1.95 -9.21 18.96
C GLN A 239 -1.23 -8.23 18.06
N SER A 240 -1.16 -6.99 18.48
CA SER A 240 -0.46 -5.98 17.71
C SER A 240 0.89 -5.62 18.33
N GLN A 241 1.78 -5.18 17.45
CA GLN A 241 3.06 -4.55 17.81
CA GLN A 241 3.04 -4.56 17.86
C GLN A 241 3.15 -3.22 17.12
N PHE A 242 3.57 -2.20 17.80
CA PHE A 242 3.61 -0.83 17.28
C PHE A 242 5.05 -0.39 17.25
N VAL A 243 5.51 0.13 16.11
CA VAL A 243 6.91 0.58 15.92
CA VAL A 243 6.88 0.62 15.98
C VAL A 243 6.90 1.96 15.26
N VAL A 244 7.61 2.89 15.86
CA VAL A 244 7.85 4.20 15.30
C VAL A 244 9.24 4.18 14.69
N ILE A 245 9.34 4.56 13.41
CA ILE A 245 10.62 4.62 12.71
C ILE A 245 11.16 6.03 12.82
N PRO A 246 12.30 6.22 13.51
CA PRO A 246 12.79 7.59 13.65
CA PRO A 246 12.94 7.55 13.64
C PRO A 246 13.22 8.19 12.30
N ASP A 247 13.09 9.50 12.20
CA ASP A 247 13.66 10.23 11.07
C ASP A 247 13.07 9.78 9.72
N ALA A 248 11.76 9.55 9.75
CA ALA A 248 10.95 9.24 8.58
C ALA A 248 9.64 9.97 8.70
N GLY A 249 9.09 10.32 7.55
CA GLY A 249 7.73 10.84 7.44
C GLY A 249 6.76 9.72 7.05
N HIS A 250 5.98 9.96 6.01
CA HIS A 250 4.94 9.04 5.57
C HIS A 250 5.43 7.86 4.79
N LEU A 251 6.69 7.91 4.31
CA LEU A 251 7.24 6.83 3.50
C LEU A 251 8.47 6.17 4.13
N PRO A 252 8.35 5.63 5.37
CA PRO A 252 9.50 4.94 5.96
C PRO A 252 10.20 3.92 5.07
N PRO A 253 9.50 3.11 4.25
CA PRO A 253 10.23 2.11 3.47
C PRO A 253 11.28 2.70 2.56
N MET A 254 11.03 3.92 2.06
CA MET A 254 12.00 4.61 1.25
CA MET A 254 11.94 4.67 1.19
C MET A 254 12.91 5.54 1.99
N GLU A 255 12.41 6.15 3.06
CA GLU A 255 13.20 7.13 3.82
C GLU A 255 14.20 6.51 4.78
N GLN A 256 13.79 5.38 5.37
CA GLN A 256 14.64 4.65 6.36
C GLN A 256 14.55 3.17 6.03
N PRO A 257 15.05 2.80 4.85
CA PRO A 257 14.78 1.45 4.40
C PRO A 257 15.31 0.36 5.30
N GLU A 258 16.53 0.53 5.83
CA GLU A 258 17.10 -0.50 6.70
C GLU A 258 16.31 -0.69 7.99
N ARG A 259 15.85 0.40 8.58
CA ARG A 259 15.07 0.32 9.82
CA ARG A 259 15.09 0.30 9.82
CA ARG A 259 15.06 0.31 9.81
C ARG A 259 13.76 -0.40 9.54
N VAL A 260 13.10 -0.09 8.41
CA VAL A 260 11.87 -0.77 8.07
C VAL A 260 12.10 -2.26 7.79
N THR A 261 13.11 -2.57 7.00
CA THR A 261 13.42 -3.96 6.73
C THR A 261 13.65 -4.74 8.01
N GLN A 262 14.40 -4.14 8.95
CA GLN A 262 14.67 -4.81 10.22
C GLN A 262 13.40 -5.04 11.03
N ALA A 263 12.58 -4.01 11.14
CA ALA A 263 11.33 -4.15 11.90
C ALA A 263 10.48 -5.26 11.34
N ILE A 264 10.35 -5.30 10.02
CA ILE A 264 9.55 -6.33 9.38
C ILE A 264 10.17 -7.71 9.54
N ARG A 265 11.48 -7.81 9.31
CA ARG A 265 12.19 -9.09 9.41
C ARG A 265 11.98 -9.69 10.80
N GLU A 266 12.23 -8.90 11.83
CA GLU A 266 12.20 -9.47 13.18
C GLU A 266 10.77 -9.90 13.57
N TRP A 267 9.76 -9.14 13.12
CA TRP A 267 8.37 -9.49 13.38
C TRP A 267 7.97 -10.75 12.59
N LEU A 268 8.37 -10.82 11.32
CA LEU A 268 8.06 -12.00 10.51
C LEU A 268 8.63 -13.27 11.11
N ARG A 269 9.80 -13.19 11.73
CA ARG A 269 10.41 -14.38 12.31
C ARG A 269 9.58 -15.01 13.33
N LYS A 270 8.80 -14.21 14.01
CA LYS A 270 7.88 -14.83 14.96
CA LYS A 270 7.86 -14.79 15.01
C LYS A 270 6.57 -15.39 14.39
N VAL A 271 6.15 -14.74 13.34
CA VAL A 271 4.95 -15.20 12.72
C VAL A 271 5.36 -16.53 12.20
N HIS A 272 6.57 -16.60 11.65
CA HIS A 272 7.06 -17.75 10.90
C HIS A 272 7.39 -18.98 11.78
N THR A 273 8.07 -18.72 12.90
CA THR A 273 8.41 -19.76 13.86
C THR A 273 7.16 -20.12 14.68
C1 PGE B . -19.89 7.28 -1.04
O1 PGE B . -20.31 8.65 -0.76
C2 PGE B . -19.08 6.90 0.17
O2 PGE B . -19.22 5.61 0.78
C3 PGE B . -18.05 5.68 1.57
C4 PGE B . -18.17 4.96 2.83
O4 PGE B . -20.05 7.28 5.93
C6 PGE B . -18.61 7.13 5.68
C5 PGE B . -18.45 6.79 4.23
O3 PGE B . -17.59 5.74 3.83
CL CL C . -10.68 0.02 2.97
CL CL D . -10.81 12.40 6.13
C1 MLT E . -1.20 7.48 0.51
O1 MLT E . -0.03 7.84 0.91
O2 MLT E . -1.50 6.35 0.02
C2 MLT E . -2.27 8.53 0.56
O3 MLT E . -1.75 9.71 1.21
C3 MLT E . -3.55 8.04 1.23
C4 MLT E . -4.69 8.99 1.17
O4 MLT E . -4.73 9.87 0.27
O5 MLT E . -5.62 8.85 2.01
#